data_9MDK
#
_entry.id   9MDK
#
_cell.length_a   41.684
_cell.length_b   99.366
_cell.length_c   121.224
_cell.angle_alpha   90.000
_cell.angle_beta   90.000
_cell.angle_gamma   90.000
#
_symmetry.space_group_name_H-M   'P 2 21 21'
#
loop_
_entity.id
_entity.type
_entity.pdbx_description
1 polymer 'Bacterial Ig-like domain protein C0362'
2 non-polymer N-[N-[1-HYDROXYCARBOXYETHYL-CARBONYL]LEUCYLAMINO-BUTYL]-GUANIDINE
3 non-polymer 1,2-ETHANEDIOL
4 water water
#
_entity_poly.entity_id   1
_entity_poly.type   'polypeptide(L)'
_entity_poly.pdbx_seq_one_letter_code
;MTVTIEIKKKPQIKYEEKQAVMPESAAGTYTFEVQTIDGKLDYEPYFTSSTLPWITGAPTISSRTDPNKDVISFTCLKNK
TVWNRRAYIKFKDKKTGQYIKGADGKADLTVNIIQKKNENPVVHYKWVDGIGAPTENQKIKMKIKNNGIETEDYFTDPFV
FKWKETADTKFYNVRKLDKLYVQGQFPSNYFVINGIRNEQIQGRDISQCWAKTASNMLHWWFEQNKDYIEQYKQKAAIEE
WKRPLYKHDYIRGLQDEDEGKKSNIANIFRAYSHNNARGGYIEDGLTWYLYKRDGQKNLGSIYPGLFNDVFAHDTSPINI
ERCETKKEFEQLMNKTLDNKRAIGIFWQGSKGNRPYQHAVTCWGAAYDEDNNIICLYIAESNLPEAVLYPFGVRYKGNIY
EEAEKNRTYMFNYALSKPENIYIDGLTTLDKGEDQWKKWLEAHQKGELNSKLEGKPIPNPLLGLDSTRTGHHHHHH
;
_entity_poly.pdbx_strand_id   A
#
loop_
_chem_comp.id
_chem_comp.type
_chem_comp.name
_chem_comp.formula
E64 non-polymer N-[N-[1-HYDROXYCARBOXYETHYL-CARBONYL]LEUCYLAMINO-BUTYL]-GUANIDINE 'C15 H30 N5 O5 1'
EDO non-polymer 1,2-ETHANEDIOL 'C2 H6 O2'
#
# COMPACT_ATOMS: atom_id res chain seq x y z
N LYS A 9 12.70 -43.16 38.81
CA LYS A 9 11.88 -42.44 37.83
C LYS A 9 12.48 -41.07 37.48
N LYS A 10 12.68 -40.84 36.19
CA LYS A 10 13.26 -39.56 35.75
C LYS A 10 12.19 -38.48 35.77
N PRO A 11 12.44 -37.33 36.42
CA PRO A 11 11.45 -36.24 36.39
C PRO A 11 11.24 -35.75 34.97
N GLN A 12 10.04 -35.23 34.70
CA GLN A 12 9.73 -34.67 33.39
C GLN A 12 9.07 -33.31 33.53
N ILE A 13 9.04 -32.56 32.43
CA ILE A 13 8.20 -31.37 32.36
C ILE A 13 7.23 -31.54 31.21
N LYS A 14 6.03 -30.96 31.37
CA LYS A 14 5.03 -30.99 30.33
C LYS A 14 4.35 -29.64 30.23
N TYR A 15 3.91 -29.31 29.02
CA TYR A 15 3.18 -28.09 28.74
C TYR A 15 2.20 -28.40 27.61
N GLU A 16 0.96 -27.92 27.75
CA GLU A 16 -0.02 -28.08 26.68
C GLU A 16 0.21 -26.97 25.65
N GLU A 17 0.92 -27.32 24.56
CA GLU A 17 1.37 -26.32 23.60
C GLU A 17 0.24 -25.63 22.85
N LYS A 18 -0.96 -26.21 22.82
CA LYS A 18 -2.09 -25.53 22.20
C LYS A 18 -2.44 -24.21 22.89
N GLN A 19 -1.93 -23.97 24.10
CA GLN A 19 -2.15 -22.70 24.81
C GLN A 19 -0.99 -21.77 24.53
N ALA A 20 -1.23 -20.72 23.74
CA ALA A 20 -0.22 -19.69 23.61
C ALA A 20 -0.16 -18.86 24.89
N VAL A 21 1.03 -18.35 25.20
CA VAL A 21 1.21 -17.38 26.26
C VAL A 21 1.15 -16.00 25.63
N MET A 22 0.19 -15.17 26.05
N MET A 22 0.17 -15.18 26.04
CA MET A 22 -0.11 -13.92 25.34
CA MET A 22 -0.12 -13.93 25.35
C MET A 22 0.00 -12.73 26.28
C MET A 22 0.00 -12.73 26.30
N PRO A 23 1.21 -12.20 26.47
CA PRO A 23 1.36 -10.98 27.28
C PRO A 23 0.69 -9.79 26.62
N GLU A 24 0.18 -8.88 27.45
CA GLU A 24 -0.35 -7.61 26.99
C GLU A 24 0.76 -6.77 26.35
N SER A 25 0.34 -5.67 25.73
CA SER A 25 1.26 -4.84 24.95
C SER A 25 2.24 -4.07 25.83
N ALA A 26 1.83 -3.76 27.06
CA ALA A 26 2.69 -3.03 27.98
C ALA A 26 3.97 -3.80 28.26
N ALA A 27 5.03 -3.03 28.54
CA ALA A 27 6.27 -3.61 29.05
C ALA A 27 6.02 -4.28 30.40
N GLY A 28 6.75 -5.36 30.66
CA GLY A 28 6.59 -6.06 31.91
C GLY A 28 7.32 -7.38 31.91
N THR A 29 7.26 -8.03 33.06
CA THR A 29 7.77 -9.38 33.21
C THR A 29 6.55 -10.29 33.36
N TYR A 30 6.33 -11.14 32.36
CA TYR A 30 5.15 -11.98 32.26
C TYR A 30 5.53 -13.44 32.54
N THR A 31 4.54 -14.26 32.90
CA THR A 31 4.82 -15.60 33.39
C THR A 31 3.85 -16.62 32.78
N PHE A 32 4.31 -17.87 32.76
CA PHE A 32 3.47 -19.04 32.49
C PHE A 32 3.99 -20.20 33.33
N GLU A 33 3.20 -21.28 33.38
CA GLU A 33 3.50 -22.44 34.21
C GLU A 33 3.86 -23.64 33.37
N VAL A 34 4.85 -24.39 33.82
CA VAL A 34 5.23 -25.68 33.24
C VAL A 34 5.00 -26.76 34.29
N GLN A 35 4.30 -27.84 33.91
N GLN A 35 4.25 -27.82 33.92
CA GLN A 35 4.01 -28.93 34.85
CA GLN A 35 4.04 -28.94 34.81
C GLN A 35 5.24 -29.79 35.08
C GLN A 35 5.36 -29.66 35.08
N THR A 36 5.62 -29.97 36.35
CA THR A 36 6.78 -30.76 36.74
C THR A 36 6.30 -32.08 37.29
N ILE A 37 6.63 -33.16 36.58
CA ILE A 37 6.13 -34.50 36.86
C ILE A 37 7.24 -35.32 37.51
N ASP A 38 6.93 -35.93 38.66
CA ASP A 38 7.80 -36.90 39.35
C ASP A 38 9.07 -36.27 39.86
N GLY A 39 9.05 -34.99 40.20
CA GLY A 39 10.23 -34.35 40.70
C GLY A 39 10.45 -33.04 39.99
N LYS A 40 11.65 -32.48 40.18
CA LYS A 40 11.99 -31.18 39.61
C LYS A 40 13.17 -31.39 38.65
N LEU A 41 12.84 -31.68 37.39
CA LEU A 41 13.84 -31.78 36.33
C LEU A 41 14.76 -30.57 36.32
N ASP A 42 16.04 -30.83 36.09
CA ASP A 42 17.05 -29.77 36.00
C ASP A 42 17.14 -29.32 34.55
N TYR A 43 16.49 -28.20 34.22
CA TYR A 43 16.45 -27.72 32.85
C TYR A 43 16.66 -26.21 32.84
N GLU A 44 16.84 -25.68 31.62
CA GLU A 44 17.00 -24.26 31.42
C GLU A 44 16.18 -23.87 30.20
N PRO A 45 15.34 -22.85 30.32
CA PRO A 45 14.56 -22.39 29.16
C PRO A 45 15.37 -21.43 28.31
N TYR A 46 15.03 -21.40 27.02
CA TYR A 46 15.75 -20.59 26.05
C TYR A 46 14.76 -20.08 25.00
N PHE A 47 14.93 -18.83 24.58
CA PHE A 47 14.25 -18.36 23.38
C PHE A 47 14.92 -18.94 22.14
N THR A 48 14.10 -19.25 21.12
CA THR A 48 14.62 -19.79 19.87
C THR A 48 15.53 -18.78 19.18
N SER A 49 15.27 -17.49 19.37
CA SER A 49 16.20 -16.44 19.00
C SER A 49 16.58 -15.64 20.24
N SER A 50 17.87 -15.47 20.48
CA SER A 50 18.32 -14.65 21.59
C SER A 50 18.43 -13.18 21.23
N THR A 51 18.31 -12.85 19.94
CA THR A 51 18.56 -11.51 19.45
C THR A 51 17.29 -10.70 19.24
N LEU A 52 16.10 -11.30 19.42
CA LEU A 52 14.85 -10.56 19.32
C LEU A 52 14.92 -9.32 20.19
N PRO A 53 14.82 -8.12 19.60
CA PRO A 53 15.10 -6.91 20.39
C PRO A 53 14.05 -6.61 21.42
N TRP A 54 12.82 -7.10 21.27
CA TRP A 54 11.73 -6.71 22.15
C TRP A 54 11.60 -7.63 23.36
N ILE A 55 12.50 -8.59 23.49
CA ILE A 55 12.63 -9.45 24.67
C ILE A 55 13.95 -9.11 25.35
N THR A 56 13.89 -8.79 26.64
CA THR A 56 15.09 -8.45 27.41
C THR A 56 15.58 -9.70 28.13
N GLY A 57 16.67 -10.29 27.64
CA GLY A 57 17.30 -11.42 28.31
C GLY A 57 16.62 -12.75 28.06
N ALA A 58 17.08 -13.75 28.79
CA ALA A 58 16.58 -15.11 28.64
C ALA A 58 15.39 -15.33 29.56
N PRO A 59 14.58 -16.36 29.31
CA PRO A 59 13.56 -16.74 30.29
C PRO A 59 14.25 -17.39 31.49
N THR A 60 13.59 -17.34 32.63
CA THR A 60 14.14 -17.99 33.81
C THR A 60 13.05 -18.73 34.56
N ILE A 61 13.46 -19.71 35.37
CA ILE A 61 12.54 -20.37 36.29
C ILE A 61 12.43 -19.46 37.52
N SER A 62 11.31 -18.75 37.64
CA SER A 62 11.15 -17.80 38.74
C SER A 62 10.52 -18.42 39.99
N SER A 63 9.95 -19.61 39.89
CA SER A 63 9.50 -20.29 41.12
C SER A 63 9.37 -21.78 40.86
N ARG A 64 9.77 -22.58 41.87
CA ARG A 64 9.61 -24.03 41.85
C ARG A 64 8.95 -24.51 43.13
N THR A 65 8.34 -23.59 43.88
CA THR A 65 7.83 -23.93 45.21
C THR A 65 6.67 -24.91 45.16
N ASP A 66 5.85 -24.84 44.12
CA ASP A 66 4.80 -25.84 43.96
C ASP A 66 5.40 -27.13 43.41
N PRO A 67 5.27 -28.26 44.12
CA PRO A 67 5.81 -29.52 43.57
C PRO A 67 5.25 -29.87 42.21
N ASN A 68 4.05 -29.42 41.85
CA ASN A 68 3.43 -29.83 40.59
C ASN A 68 3.81 -28.94 39.41
N LYS A 69 4.41 -27.78 39.63
CA LYS A 69 4.67 -26.91 38.48
C LYS A 69 5.73 -25.87 38.81
N ASP A 70 6.44 -25.43 37.77
CA ASP A 70 7.35 -24.31 37.79
C ASP A 70 6.70 -23.10 37.15
N VAL A 71 7.09 -21.91 37.59
CA VAL A 71 6.71 -20.67 36.93
C VAL A 71 7.92 -20.21 36.13
N ILE A 72 7.69 -19.87 34.86
CA ILE A 72 8.71 -19.32 33.97
C ILE A 72 8.40 -17.84 33.76
N SER A 73 9.42 -16.99 33.87
CA SER A 73 9.28 -15.56 33.66
C SER A 73 10.10 -15.15 32.44
N PHE A 74 9.63 -14.09 31.77
CA PHE A 74 10.38 -13.45 30.69
C PHE A 74 9.92 -12.01 30.63
N THR A 75 10.79 -11.14 30.10
CA THR A 75 10.56 -9.70 30.13
C THR A 75 10.46 -9.14 28.71
N CYS A 76 9.40 -8.38 28.44
CA CYS A 76 9.13 -7.78 27.14
C CYS A 76 9.24 -6.26 27.19
N LEU A 77 9.67 -5.66 26.08
CA LEU A 77 9.42 -4.24 25.88
C LEU A 77 7.93 -4.00 25.59
N LYS A 78 7.53 -2.74 25.69
CA LYS A 78 6.23 -2.34 25.17
C LYS A 78 6.10 -2.69 23.69
N ASN A 79 4.97 -3.29 23.31
CA ASN A 79 4.65 -3.46 21.90
C ASN A 79 3.91 -2.21 21.47
N LYS A 80 4.63 -1.30 20.81
CA LYS A 80 3.99 -0.10 20.29
C LYS A 80 3.29 -0.33 18.96
N THR A 81 3.57 -1.45 18.30
CA THR A 81 2.98 -1.72 17.00
C THR A 81 1.55 -2.20 17.14
N VAL A 82 0.86 -2.19 16.00
CA VAL A 82 -0.51 -2.64 15.93
C VAL A 82 -0.61 -4.11 15.51
N TRP A 83 0.50 -4.86 15.61
CA TRP A 83 0.52 -6.27 15.26
C TRP A 83 1.00 -7.10 16.45
N ASN A 84 0.38 -8.26 16.65
CA ASN A 84 0.96 -9.24 17.55
C ASN A 84 2.37 -9.60 17.09
N ARG A 85 3.20 -10.04 18.03
CA ARG A 85 4.56 -10.45 17.67
C ARG A 85 4.91 -11.72 18.42
N ARG A 86 5.58 -12.63 17.74
CA ARG A 86 5.76 -13.99 18.22
C ARG A 86 7.20 -14.26 18.66
N ALA A 87 7.33 -15.08 19.69
CA ALA A 87 8.60 -15.68 20.10
C ALA A 87 8.34 -17.12 20.52
N TYR A 88 9.42 -17.88 20.74
CA TYR A 88 9.30 -19.31 21.02
C TYR A 88 10.31 -19.70 22.09
N ILE A 89 9.84 -20.45 23.09
CA ILE A 89 10.66 -20.94 24.19
C ILE A 89 10.77 -22.46 24.10
N LYS A 90 12.00 -22.96 24.15
CA LYS A 90 12.29 -24.38 24.29
C LYS A 90 13.11 -24.57 25.57
N PHE A 91 13.38 -25.83 25.90
CA PHE A 91 13.93 -26.17 27.20
C PHE A 91 15.03 -27.20 27.02
N LYS A 92 16.18 -26.96 27.62
CA LYS A 92 17.30 -27.89 27.51
C LYS A 92 17.48 -28.60 28.85
N ASP A 93 17.62 -29.93 28.79
CA ASP A 93 18.07 -30.75 29.92
C ASP A 93 19.48 -30.35 30.28
N LYS A 94 19.68 -29.76 31.46
CA LYS A 94 21.00 -29.21 31.81
C LYS A 94 22.09 -30.28 31.86
N LYS A 95 21.72 -31.55 32.07
CA LYS A 95 22.71 -32.62 32.04
C LYS A 95 23.09 -32.98 30.60
N THR A 96 22.13 -33.57 29.87
CA THR A 96 22.38 -34.05 28.50
C THR A 96 22.53 -32.93 27.49
N GLY A 97 22.20 -31.69 27.85
CA GLY A 97 22.32 -30.57 26.92
C GLY A 97 21.35 -30.63 25.75
N GLN A 98 20.53 -31.69 25.72
CA GLN A 98 19.57 -31.89 24.65
C GLN A 98 18.28 -31.12 24.95
N TYR A 99 17.59 -30.73 23.89
CA TYR A 99 16.26 -30.14 24.05
C TYR A 99 15.28 -31.19 24.51
N ILE A 100 14.45 -30.83 25.49
CA ILE A 100 13.46 -31.75 26.02
C ILE A 100 12.35 -31.95 25.01
N LYS A 101 11.81 -33.17 24.96
CA LYS A 101 10.80 -33.55 23.98
C LYS A 101 9.40 -33.13 24.42
N GLY A 102 8.56 -32.78 23.44
CA GLY A 102 7.16 -32.47 23.68
C GLY A 102 6.29 -33.70 23.84
N ALA A 103 4.98 -33.47 23.83
CA ALA A 103 4.02 -34.53 24.13
C ALA A 103 4.14 -35.72 23.19
N ASP A 104 4.39 -35.48 21.90
CA ASP A 104 4.41 -36.65 21.01
C ASP A 104 5.72 -37.42 21.09
N GLY A 105 6.67 -36.98 21.90
CA GLY A 105 7.94 -37.66 22.02
C GLY A 105 8.87 -37.48 20.85
N LYS A 106 8.49 -36.72 19.82
CA LYS A 106 9.35 -36.52 18.66
C LYS A 106 9.70 -35.06 18.44
N ALA A 107 8.72 -34.15 18.47
CA ALA A 107 9.01 -32.72 18.41
C ALA A 107 9.54 -32.21 19.75
N ASP A 108 10.46 -31.24 19.69
CA ASP A 108 10.90 -30.55 20.88
C ASP A 108 9.73 -29.84 21.57
N LEU A 109 9.79 -29.79 22.90
CA LEU A 109 8.78 -29.05 23.66
C LEU A 109 8.92 -27.56 23.38
N THR A 110 7.88 -26.91 22.87
CA THR A 110 7.94 -25.50 22.49
C THR A 110 6.71 -24.75 23.00
N VAL A 111 6.95 -23.61 23.65
CA VAL A 111 5.88 -22.72 24.13
C VAL A 111 5.82 -21.52 23.19
N ASN A 112 4.63 -21.24 22.66
CA ASN A 112 4.45 -20.09 21.76
C ASN A 112 4.10 -18.86 22.56
N ILE A 113 4.92 -17.82 22.43
CA ILE A 113 4.70 -16.52 23.05
C ILE A 113 4.14 -15.59 21.99
N ILE A 114 3.01 -14.94 22.25
CA ILE A 114 2.43 -13.97 21.31
C ILE A 114 2.11 -12.71 22.10
N GLN A 115 2.99 -11.70 22.04
CA GLN A 115 2.70 -10.45 22.71
C GLN A 115 1.67 -9.68 21.89
N LYS A 116 0.66 -9.15 22.59
CA LYS A 116 -0.48 -8.54 21.95
C LYS A 116 -0.16 -7.15 21.42
N LYS A 117 -0.90 -6.76 20.38
CA LYS A 117 -0.76 -5.46 19.75
C LYS A 117 -1.19 -4.33 20.68
N ASN A 118 -0.64 -3.15 20.39
CA ASN A 118 -0.99 -1.89 21.02
C ASN A 118 -2.41 -1.49 20.60
N GLU A 119 -3.30 -1.32 21.58
CA GLU A 119 -4.68 -0.91 21.31
C GLU A 119 -4.83 0.60 21.19
N ASN A 120 -3.82 1.38 21.60
CA ASN A 120 -3.86 2.84 21.53
C ASN A 120 -2.59 3.39 20.89
N PRO A 121 -2.29 2.99 19.66
CA PRO A 121 -1.09 3.51 19.01
C PRO A 121 -1.23 5.01 18.75
N VAL A 122 -0.10 5.71 18.79
CA VAL A 122 -0.03 7.08 18.30
C VAL A 122 0.46 7.05 16.85
N VAL A 123 -0.33 7.62 15.95
CA VAL A 123 -0.15 7.45 14.51
C VAL A 123 0.21 8.80 13.89
N HIS A 124 1.15 8.80 12.95
CA HIS A 124 1.38 9.97 12.10
C HIS A 124 1.31 9.57 10.63
N TYR A 125 1.25 10.58 9.76
CA TYR A 125 0.89 10.37 8.36
C TYR A 125 1.89 11.09 7.46
N LYS A 126 2.13 10.53 6.28
CA LYS A 126 2.86 11.22 5.22
C LYS A 126 2.03 11.16 3.96
N TRP A 127 1.84 12.32 3.31
CA TRP A 127 1.06 12.41 2.10
C TRP A 127 1.96 12.82 0.94
N VAL A 128 1.58 12.40 -0.28
CA VAL A 128 2.28 12.85 -1.48
C VAL A 128 2.31 14.38 -1.50
N ASP A 129 3.45 14.94 -1.90
CA ASP A 129 3.65 16.38 -1.81
C ASP A 129 2.61 17.12 -2.63
N GLY A 130 2.04 18.19 -2.05
CA GLY A 130 1.17 19.07 -2.79
C GLY A 130 -0.31 18.73 -2.80
N ILE A 131 -0.74 17.67 -2.11
CA ILE A 131 -2.17 17.34 -2.08
C ILE A 131 -2.80 17.71 -0.76
N GLY A 132 -2.09 18.41 0.12
CA GLY A 132 -2.66 18.73 1.41
C GLY A 132 -2.78 17.50 2.28
N ALA A 133 -3.81 17.50 3.13
CA ALA A 133 -3.99 16.43 4.11
C ALA A 133 -5.45 16.41 4.51
N PRO A 134 -6.01 15.23 4.85
CA PRO A 134 -7.43 15.19 5.21
C PRO A 134 -7.72 16.02 6.46
N THR A 135 -8.80 16.78 6.40
CA THR A 135 -9.42 17.33 7.60
C THR A 135 -10.26 16.26 8.30
N GLU A 136 -10.61 16.51 9.56
CA GLU A 136 -11.43 15.51 10.27
C GLU A 136 -12.79 15.34 9.60
N ASN A 137 -13.36 16.44 9.10
CA ASN A 137 -14.64 16.36 8.37
C ASN A 137 -14.54 15.61 7.04
N GLN A 138 -13.32 15.40 6.52
CA GLN A 138 -13.16 14.64 5.29
C GLN A 138 -12.91 13.16 5.51
N LYS A 139 -12.82 12.72 6.77
CA LYS A 139 -12.50 11.34 7.11
C LYS A 139 -13.79 10.60 7.46
N ILE A 140 -13.96 9.42 6.87
CA ILE A 140 -15.20 8.66 6.96
C ILE A 140 -14.86 7.30 7.57
N LYS A 141 -15.49 6.97 8.69
CA LYS A 141 -15.26 5.70 9.34
C LYS A 141 -15.96 4.59 8.56
N MET A 142 -15.56 3.35 8.83
CA MET A 142 -15.96 2.21 8.01
C MET A 142 -16.55 1.11 8.87
N LYS A 143 -17.66 0.54 8.42
CA LYS A 143 -18.34 -0.52 9.15
C LYS A 143 -17.63 -1.85 8.92
N ILE A 144 -17.28 -2.52 10.03
CA ILE A 144 -16.89 -3.92 9.96
C ILE A 144 -18.02 -4.70 9.32
N LYS A 145 -17.73 -5.38 8.22
CA LYS A 145 -18.72 -6.18 7.53
C LYS A 145 -18.26 -7.63 7.54
N ASN A 146 -19.22 -8.55 7.48
CA ASN A 146 -18.94 -9.98 7.59
C ASN A 146 -19.77 -10.72 6.57
N ASN A 147 -19.12 -11.51 5.72
CA ASN A 147 -19.72 -12.25 4.62
C ASN A 147 -20.52 -11.36 3.66
N GLY A 148 -20.34 -10.04 3.74
CA GLY A 148 -21.03 -9.11 2.86
C GLY A 148 -22.11 -8.27 3.52
N ILE A 149 -22.22 -8.29 4.85
CA ILE A 149 -23.27 -7.58 5.57
C ILE A 149 -22.63 -6.77 6.68
N GLU A 150 -22.98 -5.48 6.75
CA GLU A 150 -22.45 -4.60 7.79
C GLU A 150 -22.95 -5.04 9.16
N THR A 151 -22.03 -5.16 10.11
CA THR A 151 -22.37 -5.54 11.48
C THR A 151 -22.76 -4.36 12.35
N GLU A 152 -22.74 -3.14 11.81
CA GLU A 152 -22.99 -1.91 12.56
C GLU A 152 -21.92 -1.70 13.64
N ASP A 153 -20.93 -2.59 13.68
CA ASP A 153 -19.65 -2.25 14.29
C ASP A 153 -18.78 -1.58 13.24
N TYR A 154 -17.82 -0.81 13.72
CA TYR A 154 -16.93 -0.08 12.84
C TYR A 154 -15.50 -0.49 13.16
N PHE A 155 -14.62 -0.36 12.16
CA PHE A 155 -13.21 -0.44 12.45
C PHE A 155 -12.83 0.73 13.35
N THR A 156 -12.22 0.43 14.48
CA THR A 156 -12.01 1.40 15.54
C THR A 156 -10.61 2.00 15.55
N ASP A 157 -9.66 1.37 14.87
CA ASP A 157 -8.36 1.97 14.70
C ASP A 157 -8.53 3.32 13.99
N PRO A 158 -8.01 4.41 14.55
CA PRO A 158 -8.24 5.72 13.95
C PRO A 158 -7.59 5.91 12.60
N PHE A 159 -6.61 5.09 12.22
CA PHE A 159 -6.06 5.21 10.88
C PHE A 159 -6.97 4.61 9.83
N VAL A 160 -8.01 3.87 10.22
CA VAL A 160 -8.92 3.27 9.26
C VAL A 160 -9.99 4.30 8.95
N PHE A 161 -9.79 5.01 7.84
CA PHE A 161 -10.76 5.98 7.37
C PHE A 161 -10.69 6.03 5.86
N LYS A 162 -11.83 6.30 5.24
CA LYS A 162 -11.82 6.78 3.86
C LYS A 162 -11.57 8.29 3.86
N TRP A 163 -10.80 8.75 2.87
CA TRP A 163 -10.61 10.20 2.66
C TRP A 163 -11.59 10.63 1.57
N LYS A 164 -12.67 11.30 1.98
CA LYS A 164 -13.74 11.68 1.08
C LYS A 164 -13.26 12.79 0.14
N GLU A 165 -13.58 12.66 -1.14
CA GLU A 165 -13.32 13.77 -2.07
C GLU A 165 -14.38 14.85 -1.89
N THR A 166 -13.94 16.10 -1.81
CA THR A 166 -14.86 17.23 -1.75
C THR A 166 -14.40 18.30 -2.73
N ALA A 167 -15.06 19.46 -2.71
CA ALA A 167 -14.62 20.56 -3.54
C ALA A 167 -13.20 21.02 -3.17
N ASP A 168 -12.77 20.75 -1.93
CA ASP A 168 -11.53 21.28 -1.38
C ASP A 168 -10.38 20.27 -1.37
N THR A 169 -10.61 19.00 -1.70
CA THR A 169 -9.51 18.06 -1.65
C THR A 169 -8.67 18.15 -2.92
N LYS A 170 -7.43 17.70 -2.82
CA LYS A 170 -6.45 17.88 -3.88
C LYS A 170 -5.82 16.58 -4.38
N PHE A 171 -6.32 15.42 -3.98
CA PHE A 171 -5.87 14.18 -4.63
C PHE A 171 -6.67 13.97 -5.91
N TYR A 172 -6.36 12.90 -6.63
CA TYR A 172 -7.08 12.54 -7.84
C TYR A 172 -7.43 11.06 -7.78
N ASN A 173 -8.67 10.73 -8.17
CA ASN A 173 -9.15 9.34 -8.21
C ASN A 173 -10.17 9.22 -9.36
N VAL A 174 -9.67 9.03 -10.59
CA VAL A 174 -10.56 8.79 -11.73
C VAL A 174 -11.05 7.35 -11.68
N ARG A 175 -12.36 7.16 -11.87
CA ARG A 175 -12.99 5.85 -11.70
C ARG A 175 -13.38 5.28 -13.05
N LYS A 176 -13.50 3.94 -13.10
CA LYS A 176 -13.87 3.25 -14.33
C LYS A 176 -15.33 3.47 -14.66
N LEU A 177 -15.61 4.09 -15.81
CA LEU A 177 -17.00 4.22 -16.23
C LEU A 177 -17.66 2.86 -16.36
N ASP A 178 -16.90 1.83 -16.75
CA ASP A 178 -17.48 0.50 -16.90
C ASP A 178 -17.93 -0.09 -15.58
N LYS A 179 -17.29 0.28 -14.46
CA LYS A 179 -17.74 -0.19 -13.16
C LYS A 179 -18.94 0.61 -12.65
N LEU A 180 -18.95 1.93 -12.85
CA LEU A 180 -20.04 2.77 -12.36
C LEU A 180 -21.34 2.53 -13.13
N TYR A 181 -21.24 2.27 -14.44
CA TYR A 181 -22.40 2.20 -15.32
C TYR A 181 -23.48 1.23 -14.83
N VAL A 182 -24.72 1.70 -14.80
CA VAL A 182 -25.88 0.84 -14.57
C VAL A 182 -26.73 0.88 -15.83
N GLN A 183 -26.78 -0.23 -16.56
CA GLN A 183 -27.57 -0.31 -17.78
C GLN A 183 -29.03 -0.03 -17.50
N GLY A 184 -29.64 0.80 -18.35
CA GLY A 184 -31.03 1.15 -18.20
C GLY A 184 -31.30 2.27 -17.22
N GLN A 185 -30.30 2.71 -16.46
CA GLN A 185 -30.44 3.82 -15.52
C GLN A 185 -29.55 4.98 -15.89
N PHE A 186 -28.26 4.72 -16.10
CA PHE A 186 -27.34 5.74 -16.59
C PHE A 186 -27.76 6.18 -17.99
N PRO A 187 -27.30 7.36 -18.41
CA PRO A 187 -27.59 7.79 -19.79
C PRO A 187 -27.04 6.81 -20.81
N SER A 188 -27.72 6.73 -21.96
CA SER A 188 -27.23 5.86 -23.02
C SER A 188 -25.90 6.34 -23.58
N ASN A 189 -25.66 7.66 -23.54
CA ASN A 189 -24.42 8.24 -24.02
C ASN A 189 -23.34 8.36 -22.93
N TYR A 190 -23.42 7.54 -21.88
CA TYR A 190 -22.50 7.65 -20.76
C TYR A 190 -21.04 7.65 -21.21
N PHE A 191 -20.70 6.81 -22.17
CA PHE A 191 -19.31 6.53 -22.55
C PHE A 191 -18.77 7.43 -23.66
N VAL A 192 -19.57 8.38 -24.16
CA VAL A 192 -19.17 9.15 -25.34
C VAL A 192 -18.14 10.20 -24.93
N ILE A 193 -17.12 10.36 -25.77
CA ILE A 193 -16.08 11.37 -25.59
C ILE A 193 -16.04 12.23 -26.85
N ASN A 194 -15.82 13.53 -26.67
CA ASN A 194 -15.54 14.42 -27.79
C ASN A 194 -14.04 14.41 -28.02
N GLY A 195 -13.60 13.84 -29.14
CA GLY A 195 -12.20 13.60 -29.41
C GLY A 195 -11.42 14.84 -29.79
N ILE A 196 -10.26 14.61 -30.40
CA ILE A 196 -9.37 15.73 -30.75
C ILE A 196 -9.91 16.48 -31.97
N ARG A 197 -10.28 15.76 -33.03
CA ARG A 197 -10.94 16.37 -34.18
C ARG A 197 -12.40 16.67 -33.80
N ASN A 198 -12.64 16.88 -32.50
CA ASN A 198 -13.96 17.03 -31.92
C ASN A 198 -14.94 16.02 -32.49
N GLU A 199 -14.44 14.82 -32.80
CA GLU A 199 -15.27 13.72 -33.28
C GLU A 199 -15.83 12.95 -32.08
N GLN A 200 -16.91 12.22 -32.33
CA GLN A 200 -17.60 11.49 -31.28
C GLN A 200 -17.05 10.08 -31.20
N ILE A 201 -16.57 9.70 -30.00
CA ILE A 201 -15.91 8.43 -29.78
C ILE A 201 -16.39 7.85 -28.45
N GLN A 202 -16.64 6.53 -28.44
CA GLN A 202 -17.12 5.81 -27.27
C GLN A 202 -16.00 4.89 -26.77
N GLY A 203 -15.45 5.21 -25.60
CA GLY A 203 -14.36 4.44 -25.02
C GLY A 203 -14.79 3.67 -23.79
N ARG A 204 -14.26 2.47 -23.63
CA ARG A 204 -14.49 1.64 -22.46
C ARG A 204 -13.21 1.50 -21.66
N ASP A 205 -13.35 1.10 -20.39
CA ASP A 205 -12.18 1.13 -19.52
C ASP A 205 -12.15 0.00 -18.50
N ILE A 206 -12.89 -1.10 -18.73
CA ILE A 206 -13.00 -2.16 -17.72
C ILE A 206 -11.63 -2.74 -17.37
N SER A 207 -10.66 -2.67 -18.29
CA SER A 207 -9.32 -3.20 -18.00
C SER A 207 -8.26 -2.10 -17.94
N GLN A 208 -8.66 -0.85 -17.66
CA GLN A 208 -7.73 0.27 -17.74
C GLN A 208 -7.20 0.72 -16.39
N CYS A 209 -7.07 -0.21 -15.42
CA CYS A 209 -6.54 0.21 -14.11
C CYS A 209 -5.18 0.91 -14.26
N TRP A 210 -4.34 0.41 -15.17
CA TRP A 210 -3.05 1.05 -15.42
C TRP A 210 -3.22 2.48 -15.94
N ALA A 211 -4.21 2.72 -16.80
CA ALA A 211 -4.43 4.07 -17.34
C ALA A 211 -5.07 5.00 -16.32
N LYS A 212 -5.97 4.47 -15.47
CA LYS A 212 -6.53 5.31 -14.41
C LYS A 212 -5.44 5.77 -13.44
N THR A 213 -4.54 4.84 -13.08
CA THR A 213 -3.42 5.17 -12.21
C THR A 213 -2.50 6.19 -12.88
N ALA A 214 -2.17 5.95 -14.14
CA ALA A 214 -1.36 6.92 -14.89
C ALA A 214 -2.02 8.30 -14.92
N SER A 215 -3.34 8.34 -15.17
CA SER A 215 -4.05 9.63 -15.25
C SER A 215 -4.03 10.38 -13.92
N ASN A 216 -4.25 9.67 -12.80
CA ASN A 216 -4.21 10.35 -11.49
C ASN A 216 -2.85 10.99 -11.26
N MET A 217 -1.80 10.23 -11.56
CA MET A 217 -0.46 10.73 -11.36
C MET A 217 -0.17 11.90 -12.28
N LEU A 218 -0.74 11.87 -13.50
CA LEU A 218 -0.50 12.94 -14.47
C LEU A 218 -1.26 14.20 -14.11
N HIS A 219 -2.48 14.06 -13.57
CA HIS A 219 -3.16 15.24 -13.02
C HIS A 219 -2.30 15.92 -11.98
N TRP A 220 -1.73 15.13 -11.04
CA TRP A 220 -0.87 15.70 -10.01
C TRP A 220 0.34 16.40 -10.64
N TRP A 221 0.92 15.77 -11.65
CA TRP A 221 2.12 16.29 -12.30
C TRP A 221 1.84 17.60 -13.05
N PHE A 222 0.74 17.64 -13.82
CA PHE A 222 0.34 18.89 -14.49
C PHE A 222 0.05 20.00 -13.49
N GLU A 223 -0.56 19.66 -12.35
CA GLU A 223 -0.80 20.66 -11.33
C GLU A 223 0.51 21.14 -10.72
N GLN A 224 1.43 20.22 -10.41
N GLN A 224 1.41 20.20 -10.39
CA GLN A 224 2.66 20.67 -9.78
CA GLN A 224 2.70 20.58 -9.82
C GLN A 224 3.51 21.49 -10.76
C GLN A 224 3.46 21.51 -10.76
N ASN A 225 3.45 21.20 -12.05
CA ASN A 225 4.24 21.89 -13.06
C ASN A 225 3.44 22.90 -13.87
N LYS A 226 2.31 23.40 -13.32
CA LYS A 226 1.42 24.25 -14.11
C LYS A 226 2.13 25.48 -14.67
N ASP A 227 3.05 26.10 -13.91
CA ASP A 227 3.71 27.28 -14.41
C ASP A 227 4.69 26.95 -15.54
N TYR A 228 5.48 25.88 -15.37
CA TYR A 228 6.35 25.41 -16.44
C TYR A 228 5.55 25.08 -17.70
N ILE A 229 4.40 24.42 -17.54
CA ILE A 229 3.60 24.01 -18.69
C ILE A 229 3.00 25.23 -19.40
N GLU A 230 2.69 26.29 -18.66
N GLU A 230 2.68 26.29 -18.66
CA GLU A 230 2.23 27.51 -19.33
CA GLU A 230 2.22 27.51 -19.32
C GLU A 230 3.34 28.12 -20.17
C GLU A 230 3.34 28.11 -20.16
N GLN A 231 4.57 28.14 -19.64
CA GLN A 231 5.71 28.61 -20.41
C GLN A 231 5.97 27.71 -21.61
N TYR A 232 5.85 26.40 -21.43
CA TYR A 232 6.08 25.48 -22.54
C TYR A 232 5.13 25.79 -23.69
N LYS A 233 3.85 26.00 -23.38
N LYS A 233 3.85 26.01 -23.39
CA LYS A 233 2.85 26.32 -24.41
CA LYS A 233 2.88 26.29 -24.44
C LYS A 233 3.22 27.59 -25.16
C LYS A 233 3.20 27.60 -25.17
N GLN A 234 3.86 28.55 -24.50
CA GLN A 234 4.20 29.81 -25.11
C GLN A 234 5.56 29.83 -25.80
N LYS A 235 6.46 28.91 -25.45
CA LYS A 235 7.83 28.96 -25.97
C LYS A 235 8.15 27.84 -26.95
N ALA A 236 7.63 26.63 -26.72
CA ALA A 236 7.91 25.49 -27.58
C ALA A 236 7.15 25.60 -28.91
N ALA A 237 7.73 25.01 -29.95
CA ALA A 237 7.07 24.92 -31.26
C ALA A 237 6.13 23.73 -31.21
N ILE A 238 4.99 23.92 -30.54
N ILE A 238 4.98 23.95 -30.57
CA ILE A 238 4.07 22.82 -30.32
CA ILE A 238 4.01 22.88 -30.37
C ILE A 238 3.46 22.38 -31.64
C ILE A 238 3.49 22.38 -31.70
N GLU A 239 3.36 21.06 -31.82
CA GLU A 239 2.68 20.50 -32.98
C GLU A 239 1.20 20.87 -32.92
N GLU A 240 0.65 21.24 -34.09
CA GLU A 240 -0.70 21.81 -34.13
C GLU A 240 -1.72 20.89 -33.46
N TRP A 241 -1.78 19.63 -33.86
CA TRP A 241 -2.79 18.75 -33.29
C TRP A 241 -2.65 18.58 -31.78
N LYS A 242 -1.49 18.87 -31.19
CA LYS A 242 -1.28 18.59 -29.77
C LYS A 242 -1.69 19.73 -28.84
N ARG A 243 -1.89 20.94 -29.36
CA ARG A 243 -2.15 22.10 -28.51
C ARG A 243 -3.24 21.87 -27.46
N PRO A 244 -4.39 21.25 -27.77
CA PRO A 244 -5.44 21.13 -26.73
C PRO A 244 -5.08 20.21 -25.58
N LEU A 245 -3.99 19.46 -25.66
CA LEU A 245 -3.61 18.52 -24.61
C LEU A 245 -2.74 19.14 -23.54
N TYR A 246 -2.47 20.43 -23.61
CA TYR A 246 -1.58 21.05 -22.64
C TYR A 246 -2.37 21.73 -21.51
N LYS A 247 -3.25 20.93 -20.92
CA LYS A 247 -4.02 21.35 -19.75
C LYS A 247 -4.53 20.11 -19.05
N HIS A 248 -5.01 20.30 -17.82
CA HIS A 248 -5.66 19.21 -17.12
C HIS A 248 -6.89 19.79 -16.44
N ASP A 249 -8.02 19.13 -16.67
CA ASP A 249 -9.27 19.50 -16.03
C ASP A 249 -9.77 18.27 -15.28
N TYR A 250 -9.97 18.43 -13.98
CA TYR A 250 -10.48 17.39 -13.10
C TYR A 250 -11.59 18.04 -12.30
N ILE A 251 -12.83 17.72 -12.61
N ILE A 251 -12.83 17.70 -12.60
CA ILE A 251 -13.99 18.44 -12.10
CA ILE A 251 -14.00 18.41 -12.10
C ILE A 251 -14.55 17.66 -10.92
C ILE A 251 -14.55 17.64 -10.90
N ARG A 252 -14.38 18.20 -9.71
CA ARG A 252 -14.91 17.57 -8.52
C ARG A 252 -16.39 17.89 -8.32
N GLY A 253 -17.08 17.01 -7.61
CA GLY A 253 -18.46 17.25 -7.25
C GLY A 253 -19.48 16.72 -8.24
N LEU A 254 -19.04 15.96 -9.23
CA LEU A 254 -19.96 15.38 -10.20
C LEU A 254 -20.63 14.13 -9.63
N GLN A 255 -21.80 13.81 -10.19
N GLN A 255 -21.80 13.80 -10.19
CA GLN A 255 -22.47 12.56 -9.92
CA GLN A 255 -22.43 12.54 -9.87
C GLN A 255 -21.78 11.41 -10.66
C GLN A 255 -21.80 11.41 -10.67
N ASP A 256 -22.08 10.18 -10.23
CA ASP A 256 -21.53 9.01 -10.93
C ASP A 256 -21.87 9.03 -12.41
N GLU A 257 -23.09 9.46 -12.74
CA GLU A 257 -23.56 9.54 -14.12
C GLU A 257 -22.79 10.54 -14.96
N ASP A 258 -21.99 11.40 -14.34
CA ASP A 258 -21.24 12.43 -15.04
C ASP A 258 -19.74 12.12 -15.07
N GLU A 259 -19.35 10.89 -14.75
CA GLU A 259 -17.93 10.56 -14.68
C GLU A 259 -17.23 10.79 -16.01
N GLY A 260 -17.96 10.67 -17.12
CA GLY A 260 -17.32 10.88 -18.42
C GLY A 260 -16.89 12.31 -18.67
N LYS A 261 -17.41 13.27 -17.89
CA LYS A 261 -17.05 14.66 -18.00
C LYS A 261 -15.95 15.07 -17.04
N LYS A 262 -15.42 14.13 -16.24
CA LYS A 262 -14.65 14.53 -15.06
C LYS A 262 -13.18 14.82 -15.36
N SER A 263 -12.54 14.06 -16.27
CA SER A 263 -11.09 14.14 -16.43
C SER A 263 -10.72 14.11 -17.92
N ASN A 264 -10.09 15.18 -18.40
CA ASN A 264 -9.65 15.18 -19.79
C ASN A 264 -8.55 14.14 -20.01
N ILE A 265 -7.65 13.98 -19.03
CA ILE A 265 -6.55 13.04 -19.17
C ILE A 265 -7.06 11.61 -19.20
N ALA A 266 -7.94 11.24 -18.25
CA ALA A 266 -8.49 9.89 -18.27
C ALA A 266 -9.23 9.63 -19.57
N ASN A 267 -9.98 10.63 -20.05
CA ASN A 267 -10.71 10.49 -21.31
C ASN A 267 -9.79 10.27 -22.50
N ILE A 268 -8.58 10.83 -22.47
CA ILE A 268 -7.64 10.61 -23.57
C ILE A 268 -7.21 9.15 -23.62
N PHE A 269 -6.84 8.59 -22.46
CA PHE A 269 -6.54 7.16 -22.40
C PHE A 269 -7.73 6.33 -22.84
N ARG A 270 -8.93 6.72 -22.40
CA ARG A 270 -10.10 5.91 -22.70
C ARG A 270 -10.47 6.01 -24.17
N ALA A 271 -10.24 7.18 -24.78
CA ALA A 271 -10.60 7.32 -26.19
C ALA A 271 -9.53 6.78 -27.12
N TYR A 272 -8.24 6.92 -26.78
CA TYR A 272 -7.19 6.71 -27.78
C TYR A 272 -6.15 5.67 -27.41
N SER A 273 -6.21 5.09 -26.23
CA SER A 273 -5.21 4.13 -25.78
C SER A 273 -5.74 2.71 -26.03
N HIS A 274 -5.64 1.79 -25.09
CA HIS A 274 -6.17 0.45 -25.30
C HIS A 274 -6.85 -0.02 -24.02
N ASN A 275 -7.79 -0.94 -24.19
CA ASN A 275 -8.47 -1.59 -23.08
C ASN A 275 -8.29 -3.10 -23.27
N ASN A 276 -7.06 -3.54 -23.54
N ASN A 276 -7.05 -3.53 -23.51
CA ASN A 276 -6.78 -4.95 -23.72
CA ASN A 276 -6.75 -4.94 -23.69
C ASN A 276 -7.08 -5.72 -22.43
C ASN A 276 -7.08 -5.71 -22.41
N ALA A 277 -7.81 -6.82 -22.56
CA ALA A 277 -8.19 -7.62 -21.40
C ALA A 277 -6.97 -8.14 -20.64
N ARG A 278 -5.81 -8.22 -21.31
CA ARG A 278 -4.57 -8.59 -20.63
C ARG A 278 -4.04 -7.49 -19.74
N GLY A 279 -4.45 -6.24 -19.97
CA GLY A 279 -4.01 -5.12 -19.16
C GLY A 279 -2.89 -4.32 -19.82
N GLY A 280 -2.33 -3.43 -19.02
CA GLY A 280 -1.21 -2.59 -19.42
C GLY A 280 -0.28 -2.30 -18.26
N TYR A 281 0.60 -1.32 -18.40
CA TYR A 281 1.52 -0.96 -17.35
C TYR A 281 1.45 0.54 -17.10
N ILE A 282 1.45 0.91 -15.82
CA ILE A 282 1.45 2.32 -15.41
C ILE A 282 2.53 3.09 -16.15
N GLU A 283 3.76 2.56 -16.12
CA GLU A 283 4.90 3.31 -16.66
C GLU A 283 4.75 3.53 -18.17
N ASP A 284 4.11 2.60 -18.87
CA ASP A 284 3.89 2.76 -20.31
C ASP A 284 2.91 3.88 -20.59
N GLY A 285 1.85 3.97 -19.79
CA GLY A 285 0.92 5.07 -19.95
C GLY A 285 1.57 6.41 -19.65
N LEU A 286 2.44 6.45 -18.64
CA LEU A 286 3.12 7.69 -18.30
C LEU A 286 4.06 8.14 -19.43
N THR A 287 4.87 7.21 -19.95
CA THR A 287 5.74 7.52 -21.07
C THR A 287 4.94 8.01 -22.27
N TRP A 288 3.87 7.29 -22.61
CA TRP A 288 3.02 7.62 -23.75
C TRP A 288 2.54 9.05 -23.68
N TYR A 289 2.25 9.57 -22.47
CA TYR A 289 1.73 10.92 -22.34
C TYR A 289 2.83 11.98 -22.43
N LEU A 290 4.05 11.66 -21.99
CA LEU A 290 5.06 12.68 -21.74
C LEU A 290 6.19 12.76 -22.77
N TYR A 291 6.64 11.66 -23.36
CA TYR A 291 7.73 11.77 -24.32
C TYR A 291 7.77 10.52 -25.21
N LYS A 292 8.57 10.60 -26.28
CA LYS A 292 8.61 9.54 -27.29
C LYS A 292 9.56 8.42 -26.89
N ARG A 293 9.05 7.20 -26.87
CA ARG A 293 9.83 5.97 -26.74
C ARG A 293 9.32 4.97 -27.76
N ASP A 294 10.24 4.29 -28.46
CA ASP A 294 9.85 3.42 -29.56
C ASP A 294 8.92 2.30 -29.09
N GLY A 295 9.15 1.78 -27.88
CA GLY A 295 8.28 0.72 -27.38
C GLY A 295 6.83 1.15 -27.21
N GLN A 296 6.60 2.43 -26.91
CA GLN A 296 5.25 2.92 -26.68
C GLN A 296 4.55 3.35 -27.96
N LYS A 297 5.24 3.31 -29.11
CA LYS A 297 4.52 3.38 -30.38
C LYS A 297 3.51 2.23 -30.43
N ASN A 298 2.37 2.49 -31.05
CA ASN A 298 1.27 1.53 -31.18
C ASN A 298 0.61 1.17 -29.86
N LEU A 299 0.92 1.88 -28.76
CA LEU A 299 0.11 1.73 -27.55
C LEU A 299 -1.31 2.20 -27.81
N GLY A 300 -1.47 3.29 -28.56
CA GLY A 300 -2.77 3.79 -28.95
C GLY A 300 -2.74 4.32 -30.37
N SER A 301 -3.88 4.90 -30.78
CA SER A 301 -4.02 5.39 -32.14
C SER A 301 -3.44 6.79 -32.33
N ILE A 302 -3.05 7.46 -31.25
CA ILE A 302 -2.26 8.67 -31.28
C ILE A 302 -1.16 8.53 -30.25
N TYR A 303 -0.16 9.40 -30.33
CA TYR A 303 0.95 9.41 -29.38
C TYR A 303 1.11 10.83 -28.84
N PRO A 304 0.59 11.12 -27.64
CA PRO A 304 0.74 12.49 -27.12
C PRO A 304 2.18 12.95 -27.01
N GLY A 305 3.03 12.20 -26.30
CA GLY A 305 4.44 12.56 -26.14
C GLY A 305 4.63 14.06 -25.95
N LEU A 306 3.99 14.64 -24.93
CA LEU A 306 3.77 16.09 -24.95
C LEU A 306 5.00 16.92 -24.62
N PHE A 307 5.99 16.36 -23.93
CA PHE A 307 7.14 17.15 -23.50
C PHE A 307 8.44 16.51 -23.95
N ASN A 308 8.50 16.15 -25.24
CA ASN A 308 9.63 15.34 -25.75
C ASN A 308 10.94 16.12 -25.81
N ASP A 309 10.91 17.44 -25.86
CA ASP A 309 12.15 18.18 -25.78
C ASP A 309 12.50 18.59 -24.36
N VAL A 310 11.70 18.21 -23.37
CA VAL A 310 12.08 18.39 -21.98
C VAL A 310 12.69 17.12 -21.43
N PHE A 311 12.07 15.98 -21.72
CA PHE A 311 12.48 14.69 -21.19
C PHE A 311 12.77 13.73 -22.33
N ALA A 312 13.61 12.74 -22.02
CA ALA A 312 13.80 11.55 -22.84
C ALA A 312 13.90 10.35 -21.90
N HIS A 313 14.09 9.15 -22.46
CA HIS A 313 14.23 7.97 -21.61
C HIS A 313 15.45 8.06 -20.71
N ASP A 314 16.48 8.82 -21.12
CA ASP A 314 17.68 8.99 -20.31
C ASP A 314 17.48 9.98 -19.17
N THR A 315 16.56 10.92 -19.33
CA THR A 315 16.26 11.91 -18.29
C THR A 315 14.87 11.66 -17.71
N SER A 316 14.47 10.39 -17.62
CA SER A 316 13.06 10.06 -17.43
C SER A 316 12.62 10.37 -15.99
N PRO A 317 11.52 11.08 -15.79
CA PRO A 317 10.98 11.24 -14.44
C PRO A 317 10.22 10.03 -13.91
N ILE A 318 10.19 8.93 -14.67
CA ILE A 318 9.44 7.73 -14.31
C ILE A 318 10.42 6.65 -13.83
N ASN A 319 10.12 6.04 -12.68
CA ASN A 319 10.94 4.94 -12.19
C ASN A 319 10.06 3.76 -11.78
N ILE A 320 10.63 2.56 -11.87
CA ILE A 320 9.97 1.33 -11.44
C ILE A 320 10.93 0.61 -10.49
N GLU A 321 10.45 0.30 -9.28
CA GLU A 321 11.25 -0.47 -8.33
C GLU A 321 10.38 -1.54 -7.70
N ARG A 322 11.04 -2.60 -7.21
CA ARG A 322 10.36 -3.72 -6.59
C ARG A 322 10.72 -3.82 -5.11
N CYS A 323 9.86 -4.49 -4.34
CA CYS A 323 10.08 -4.70 -2.92
C CYS A 323 9.57 -6.08 -2.52
N GLU A 324 10.35 -6.80 -1.70
CA GLU A 324 10.00 -8.13 -1.25
C GLU A 324 10.12 -8.32 0.26
N THR A 325 10.59 -7.30 0.98
CA THR A 325 10.67 -7.34 2.44
C THR A 325 10.06 -6.06 2.99
N LYS A 326 9.79 -6.08 4.30
CA LYS A 326 9.31 -4.88 4.96
C LYS A 326 10.31 -3.75 4.82
N LYS A 327 11.59 -4.09 4.96
CA LYS A 327 12.66 -3.09 4.88
C LYS A 327 12.69 -2.45 3.50
N GLU A 328 12.54 -3.26 2.44
CA GLU A 328 12.56 -2.73 1.07
C GLU A 328 11.31 -1.93 0.76
N PHE A 329 10.14 -2.40 1.21
CA PHE A 329 8.91 -1.65 0.97
C PHE A 329 8.98 -0.29 1.65
N GLU A 330 9.44 -0.28 2.89
CA GLU A 330 9.48 0.97 3.65
C GLU A 330 10.54 1.91 3.09
N GLN A 331 11.71 1.38 2.71
N GLN A 331 11.72 1.39 2.71
CA GLN A 331 12.74 2.21 2.10
CA GLN A 331 12.73 2.24 2.10
C GLN A 331 12.23 2.88 0.84
C GLN A 331 12.22 2.89 0.83
N LEU A 332 11.49 2.14 0.01
CA LEU A 332 10.97 2.67 -1.24
C LEU A 332 9.88 3.70 -0.99
N MET A 333 8.94 3.41 -0.10
CA MET A 333 7.86 4.35 0.19
C MET A 333 8.41 5.64 0.75
N ASN A 334 9.35 5.54 1.70
CA ASN A 334 9.85 6.76 2.33
C ASN A 334 10.66 7.60 1.33
N LYS A 335 11.47 6.94 0.50
CA LYS A 335 12.24 7.68 -0.51
C LYS A 335 11.30 8.40 -1.45
N THR A 336 10.23 7.73 -1.86
CA THR A 336 9.26 8.34 -2.76
C THR A 336 8.53 9.49 -2.10
N LEU A 337 8.15 9.32 -0.84
CA LEU A 337 7.36 10.34 -0.16
C LEU A 337 8.21 11.54 0.22
N ASP A 338 9.48 11.33 0.56
CA ASP A 338 10.30 12.49 0.88
C ASP A 338 10.81 13.20 -0.38
N ASN A 339 10.40 12.78 -1.59
CA ASN A 339 10.97 13.32 -2.82
C ASN A 339 9.95 13.86 -3.82
N LYS A 340 8.74 14.24 -3.40
CA LYS A 340 7.82 14.94 -4.31
C LYS A 340 7.53 14.12 -5.58
N ARG A 341 7.04 12.91 -5.34
CA ARG A 341 6.78 11.95 -6.40
C ARG A 341 5.39 11.38 -6.21
N ALA A 342 4.71 11.16 -7.31
CA ALA A 342 3.43 10.46 -7.25
C ALA A 342 3.69 8.97 -7.30
N ILE A 343 2.73 8.20 -6.81
CA ILE A 343 2.98 6.79 -6.48
C ILE A 343 1.93 5.92 -7.14
N GLY A 344 2.37 5.03 -8.04
CA GLY A 344 1.52 3.97 -8.55
C GLY A 344 2.00 2.65 -7.96
N ILE A 345 1.06 1.79 -7.59
CA ILE A 345 1.37 0.52 -6.93
C ILE A 345 0.91 -0.63 -7.82
N PHE A 346 1.74 -1.63 -8.02
CA PHE A 346 1.25 -2.85 -8.65
C PHE A 346 1.02 -3.90 -7.57
N TRP A 347 -0.24 -4.32 -7.44
CA TRP A 347 -0.70 -5.38 -6.55
C TRP A 347 -0.64 -6.72 -7.28
N GLN A 348 -0.34 -7.76 -6.52
CA GLN A 348 -0.16 -9.10 -7.07
C GLN A 348 -0.57 -10.12 -6.03
N GLY A 349 -1.32 -11.13 -6.46
CA GLY A 349 -1.65 -12.27 -5.63
C GLY A 349 -2.82 -13.08 -6.14
N SER A 350 -3.77 -13.37 -5.25
CA SER A 350 -4.99 -14.09 -5.63
C SER A 350 -6.18 -13.43 -4.95
N LYS A 351 -7.25 -13.20 -5.71
CA LYS A 351 -8.50 -12.66 -5.21
C LYS A 351 -9.57 -13.72 -5.52
N GLY A 352 -9.92 -14.52 -4.52
CA GLY A 352 -10.73 -15.69 -4.76
C GLY A 352 -9.87 -16.85 -5.21
N ASN A 353 -10.28 -17.55 -6.27
CA ASN A 353 -9.51 -18.64 -6.85
C ASN A 353 -8.85 -18.24 -8.16
N ARG A 354 -8.81 -16.95 -8.50
CA ARG A 354 -8.26 -16.51 -9.77
C ARG A 354 -7.05 -15.60 -9.56
N PRO A 355 -6.05 -15.68 -10.43
CA PRO A 355 -4.89 -14.78 -10.31
C PRO A 355 -5.30 -13.31 -10.44
N TYR A 356 -4.63 -12.47 -9.65
CA TYR A 356 -4.98 -11.07 -9.51
C TYR A 356 -3.73 -10.21 -9.69
N GLN A 357 -3.83 -9.21 -10.56
CA GLN A 357 -2.81 -8.19 -10.75
C GLN A 357 -3.52 -6.88 -11.07
N HIS A 358 -3.17 -5.82 -10.35
CA HIS A 358 -3.97 -4.60 -10.37
C HIS A 358 -3.06 -3.39 -10.11
N ALA A 359 -3.31 -2.29 -10.85
CA ALA A 359 -2.62 -1.03 -10.65
C ALA A 359 -3.57 -0.07 -9.95
N VAL A 360 -3.09 0.56 -8.88
CA VAL A 360 -3.82 1.55 -8.09
C VAL A 360 -2.84 2.69 -7.78
N THR A 361 -3.38 3.80 -7.30
CA THR A 361 -2.60 4.98 -6.96
C THR A 361 -2.54 5.11 -5.45
N CYS A 362 -1.37 5.47 -4.92
CA CYS A 362 -1.23 5.67 -3.48
C CYS A 362 -0.97 7.15 -3.19
N TRP A 363 -1.79 7.74 -2.31
CA TRP A 363 -1.60 9.16 -1.98
C TRP A 363 -1.00 9.40 -0.60
N GLY A 364 -0.80 8.37 0.22
CA GLY A 364 -0.15 8.60 1.49
C GLY A 364 -0.13 7.33 2.32
N ALA A 365 0.52 7.44 3.49
CA ALA A 365 0.70 6.28 4.36
C ALA A 365 0.59 6.69 5.83
N ALA A 366 0.16 5.76 6.66
CA ALA A 366 0.12 5.92 8.11
C ALA A 366 1.29 5.16 8.72
N TYR A 367 1.86 5.71 9.81
CA TYR A 367 3.00 5.13 10.51
C TYR A 367 2.69 5.00 12.00
N ASP A 368 3.26 3.98 12.63
CA ASP A 368 3.16 3.81 14.08
C ASP A 368 4.35 4.50 14.76
N GLU A 369 4.45 4.34 16.08
CA GLU A 369 5.48 5.05 16.82
C GLU A 369 6.88 4.54 16.53
N ASP A 370 7.01 3.34 15.96
CA ASP A 370 8.30 2.81 15.54
C ASP A 370 8.57 3.11 14.07
N ASN A 371 7.76 3.97 13.46
CA ASN A 371 7.82 4.33 12.04
C ASN A 371 7.60 3.14 11.11
N ASN A 372 6.92 2.11 11.59
CA ASN A 372 6.40 1.08 10.69
C ASN A 372 5.26 1.64 9.87
N ILE A 373 5.22 1.29 8.58
CA ILE A 373 4.11 1.69 7.74
C ILE A 373 2.95 0.73 7.96
N ILE A 374 1.80 1.25 8.40
CA ILE A 374 0.69 0.41 8.83
C ILE A 374 -0.54 0.48 7.93
N CYS A 375 -0.63 1.46 7.02
CA CYS A 375 -1.82 1.59 6.21
C CYS A 375 -1.50 2.52 5.05
N LEU A 376 -2.14 2.28 3.90
CA LEU A 376 -1.97 3.10 2.72
C LEU A 376 -3.32 3.64 2.31
N TYR A 377 -3.29 4.80 1.65
CA TYR A 377 -4.52 5.48 1.26
C TYR A 377 -4.54 5.49 -0.26
N ILE A 378 -5.53 4.79 -0.83
CA ILE A 378 -5.47 4.27 -2.19
C ILE A 378 -6.60 4.87 -3.02
N ALA A 379 -6.26 5.39 -4.20
CA ALA A 379 -7.25 5.61 -5.24
C ALA A 379 -7.37 4.32 -6.05
N GLU A 380 -8.56 3.72 -6.01
CA GLU A 380 -8.85 2.37 -6.46
C GLU A 380 -9.92 2.47 -7.53
N SER A 381 -9.52 2.45 -8.80
CA SER A 381 -10.47 2.77 -9.85
C SER A 381 -11.53 1.70 -10.04
N ASN A 382 -11.38 0.55 -9.37
CA ASN A 382 -12.39 -0.50 -9.37
C ASN A 382 -13.44 -0.33 -8.28
N LEU A 383 -13.16 0.52 -7.23
CA LEU A 383 -14.12 0.65 -6.14
C LEU A 383 -15.09 1.81 -6.41
N PRO A 384 -16.32 1.74 -5.86
CA PRO A 384 -17.38 2.64 -6.34
C PRO A 384 -17.33 4.08 -5.85
N GLU A 385 -16.83 4.35 -4.63
CA GLU A 385 -17.03 5.66 -4.02
C GLU A 385 -15.94 6.64 -4.43
N ALA A 386 -16.31 7.93 -4.50
CA ALA A 386 -15.34 8.98 -4.83
C ALA A 386 -14.59 9.38 -3.55
N VAL A 387 -13.75 8.44 -3.10
CA VAL A 387 -12.97 8.54 -1.88
C VAL A 387 -11.64 7.82 -2.12
N LEU A 388 -10.68 8.07 -1.24
CA LEU A 388 -9.54 7.18 -1.11
C LEU A 388 -9.86 6.12 -0.05
N TYR A 389 -9.48 4.88 -0.33
CA TYR A 389 -9.79 3.81 0.63
C TYR A 389 -8.57 3.41 1.44
N PRO A 390 -8.74 3.06 2.71
CA PRO A 390 -7.61 2.57 3.50
C PRO A 390 -7.32 1.10 3.18
N PHE A 391 -6.04 0.79 2.94
CA PHE A 391 -5.59 -0.60 2.81
C PHE A 391 -4.54 -0.84 3.88
N GLY A 392 -4.87 -1.68 4.85
CA GLY A 392 -3.93 -1.97 5.91
C GLY A 392 -2.74 -2.76 5.40
N VAL A 393 -1.61 -2.58 6.07
CA VAL A 393 -0.37 -3.28 5.77
C VAL A 393 -0.19 -4.40 6.80
N ARG A 394 0.12 -5.60 6.33
CA ARG A 394 0.33 -6.74 7.21
C ARG A 394 1.48 -7.59 6.70
N TYR A 395 2.15 -8.28 7.63
CA TYR A 395 3.27 -9.17 7.33
C TYR A 395 3.00 -10.55 7.91
N LYS A 396 3.37 -11.56 7.13
CA LYS A 396 3.18 -12.95 7.52
C LYS A 396 4.38 -13.55 8.26
N GLY A 397 5.57 -12.95 8.16
CA GLY A 397 6.74 -13.45 8.84
C GLY A 397 7.29 -12.41 9.80
N ASN A 398 8.31 -12.81 10.57
CA ASN A 398 8.90 -11.92 11.57
C ASN A 398 9.32 -10.60 10.95
N ILE A 399 9.03 -9.50 11.64
CA ILE A 399 9.42 -8.17 11.16
C ILE A 399 10.62 -7.61 11.91
N TYR A 400 11.13 -8.32 12.92
CA TYR A 400 12.27 -7.88 13.71
C TYR A 400 13.57 -8.50 13.22
N GLU A 401 13.53 -9.78 12.84
CA GLU A 401 14.64 -10.48 12.19
C GLU A 401 14.05 -11.10 10.93
N GLU A 402 14.11 -10.35 9.84
CA GLU A 402 13.35 -10.66 8.64
C GLU A 402 13.97 -11.82 7.86
N ALA A 403 13.10 -12.65 7.28
CA ALA A 403 13.48 -13.67 6.33
C ALA A 403 13.95 -13.02 5.02
N GLU A 404 14.45 -13.85 4.09
CA GLU A 404 14.83 -13.36 2.76
C GLU A 404 13.68 -12.68 2.04
N LYS A 405 12.47 -13.18 2.25
CA LYS A 405 11.25 -12.60 1.71
C LYS A 405 10.25 -12.48 2.83
N ASN A 406 9.55 -11.35 2.84
CA ASN A 406 8.48 -11.10 3.79
C ASN A 406 7.57 -10.08 3.14
N ARG A 407 6.65 -10.55 2.29
CA ARG A 407 5.94 -9.63 1.40
C ARG A 407 4.96 -8.76 2.17
N THR A 408 4.65 -7.59 1.59
CA THR A 408 3.78 -6.57 2.19
C THR A 408 2.35 -6.85 1.76
N TYR A 409 1.58 -7.51 2.62
CA TYR A 409 0.23 -7.89 2.26
C TYR A 409 -0.74 -6.73 2.55
N MET A 410 -1.89 -6.77 1.85
CA MET A 410 -2.93 -5.74 1.90
C MET A 410 -4.15 -6.28 2.62
N PHE A 411 -4.69 -5.50 3.56
CA PHE A 411 -5.97 -5.80 4.17
C PHE A 411 -7.03 -4.88 3.56
N ASN A 412 -8.11 -5.46 3.04
CA ASN A 412 -9.13 -4.74 2.29
C ASN A 412 -10.21 -4.33 3.29
N TYR A 413 -10.14 -3.10 3.78
CA TYR A 413 -11.15 -2.71 4.76
C TYR A 413 -12.52 -2.62 4.10
N ALA A 414 -12.57 -2.31 2.80
CA ALA A 414 -13.85 -2.21 2.11
C ALA A 414 -14.54 -3.57 2.00
N LEU A 415 -13.78 -4.64 1.76
CA LEU A 415 -14.32 -5.99 1.84
C LEU A 415 -14.25 -6.58 3.23
N SER A 416 -13.55 -5.92 4.16
CA SER A 416 -13.48 -6.30 5.58
C SER A 416 -12.96 -7.72 5.78
N LYS A 417 -12.08 -8.16 4.87
CA LYS A 417 -11.47 -9.48 4.92
C LYS A 417 -10.01 -9.37 4.53
N PRO A 418 -9.16 -10.24 5.06
CA PRO A 418 -7.79 -10.33 4.55
C PRO A 418 -7.79 -11.07 3.22
N GLU A 419 -6.88 -10.64 2.34
CA GLU A 419 -6.69 -11.29 1.05
C GLU A 419 -5.22 -11.61 0.84
N ASN A 420 -4.95 -12.57 -0.03
N ASN A 420 -4.98 -12.59 -0.02
CA ASN A 420 -3.57 -12.92 -0.38
CA ASN A 420 -3.62 -12.92 -0.46
C ASN A 420 -3.09 -12.01 -1.53
C ASN A 420 -3.24 -11.99 -1.60
N ILE A 421 -3.12 -10.72 -1.26
CA ILE A 421 -2.72 -9.67 -2.22
C ILE A 421 -1.60 -8.86 -1.59
N TYR A 422 -0.50 -8.68 -2.32
CA TYR A 422 0.66 -7.97 -1.80
C TYR A 422 1.24 -7.03 -2.85
N ILE A 423 2.09 -6.13 -2.39
CA ILE A 423 2.70 -5.12 -3.24
C ILE A 423 3.95 -5.69 -3.87
N ASP A 424 3.95 -5.80 -5.20
CA ASP A 424 5.15 -6.22 -5.92
C ASP A 424 6.16 -5.08 -6.10
N GLY A 425 5.69 -3.85 -6.25
CA GLY A 425 6.58 -2.72 -6.35
C GLY A 425 5.79 -1.45 -6.65
N LEU A 426 6.51 -0.41 -7.03
CA LEU A 426 5.97 0.92 -7.26
C LEU A 426 6.47 1.45 -8.61
N THR A 427 5.60 2.18 -9.31
CA THR A 427 5.98 3.01 -10.45
C THR A 427 5.78 4.45 -10.00
N THR A 428 6.83 5.24 -9.99
CA THR A 428 6.75 6.58 -9.43
C THR A 428 6.97 7.62 -10.53
N LEU A 429 6.34 8.77 -10.35
CA LEU A 429 6.48 9.89 -11.29
C LEU A 429 7.00 11.10 -10.55
N ASP A 430 8.18 11.55 -10.92
CA ASP A 430 8.87 12.69 -10.31
C ASP A 430 8.46 13.99 -11.01
N LYS A 431 8.50 15.10 -10.27
CA LYS A 431 8.15 16.40 -10.84
C LYS A 431 9.06 16.76 -12.02
N GLY A 432 10.29 16.28 -12.01
CA GLY A 432 11.21 16.63 -13.09
C GLY A 432 11.75 18.04 -13.01
N GLU A 433 12.03 18.53 -11.79
CA GLU A 433 12.43 19.94 -11.63
C GLU A 433 13.71 20.27 -12.39
N ASP A 434 14.77 19.45 -12.25
CA ASP A 434 16.02 19.78 -12.91
C ASP A 434 15.85 19.84 -14.42
N GLN A 435 15.13 18.86 -14.97
CA GLN A 435 14.88 18.84 -16.42
C GLN A 435 14.09 20.05 -16.87
N TRP A 436 13.06 20.44 -16.10
CA TRP A 436 12.27 21.62 -16.47
C TRP A 436 13.12 22.88 -16.40
N LYS A 437 13.94 23.00 -15.36
CA LYS A 437 14.78 24.18 -15.17
C LYS A 437 15.82 24.29 -16.28
N LYS A 438 16.39 23.17 -16.70
CA LYS A 438 17.36 23.16 -17.79
C LYS A 438 16.71 23.55 -19.10
N TRP A 439 15.53 23.01 -19.38
CA TRP A 439 14.78 23.43 -20.57
C TRP A 439 14.54 24.92 -20.57
N LEU A 440 14.09 25.47 -19.44
CA LEU A 440 13.78 26.89 -19.38
C LEU A 440 15.03 27.74 -19.52
N GLU A 441 16.12 27.35 -18.86
CA GLU A 441 17.35 28.13 -18.97
C GLU A 441 17.87 28.13 -20.40
N ALA A 442 17.75 27.01 -21.11
CA ALA A 442 18.22 26.96 -22.49
C ALA A 442 17.43 27.91 -23.38
N HIS A 443 16.13 28.07 -23.12
CA HIS A 443 15.35 29.02 -23.91
C HIS A 443 15.78 30.45 -23.65
N GLN A 444 15.90 30.82 -22.37
CA GLN A 444 16.32 32.18 -22.05
C GLN A 444 17.73 32.46 -22.55
N LYS A 445 18.59 31.45 -22.60
CA LYS A 445 19.93 31.65 -23.18
C LYS A 445 19.86 31.96 -24.67
N GLY A 446 18.86 31.44 -25.37
CA GLY A 446 18.69 31.76 -26.78
C GLY A 446 18.04 33.10 -27.04
N GLU A 447 17.36 33.66 -26.05
CA GLU A 447 16.80 35.01 -26.17
C GLU A 447 17.87 36.06 -25.87
C1 E64 B . -7.59 -3.50 -14.06
O1 E64 B . -8.23 -4.04 -13.11
O2 E64 B . -8.18 -2.82 -14.93
C2 E64 B . -6.08 -3.68 -14.13
C3 E64 B . -5.68 -4.34 -15.44
O3 E64 B . -6.13 -5.67 -15.46
C4 E64 B . -4.14 -4.28 -15.49
O4 E64 B . -3.59 -3.58 -16.27
N1 E64 B . -3.37 -5.04 -14.53
C6 E64 B . -1.92 -4.96 -14.55
C7 E64 B . -1.42 -5.02 -13.09
C8 E64 B . -0.12 -4.21 -12.88
C9 E64 B . 1.09 -5.12 -13.07
C10 E64 B . -0.02 -3.02 -13.84
C11 E64 B . -1.37 -6.12 -15.38
O5 E64 B . -1.57 -7.26 -15.05
N2 E64 B . -0.60 -5.80 -16.57
C12 E64 B . -0.04 -6.82 -17.43
C13 E64 B . -0.07 -6.34 -18.87
C14 E64 B . 0.31 -7.49 -19.80
C15 E64 B . -0.28 -7.24 -21.19
N3 E64 B . 0.20 -8.29 -22.09
C16 E64 B . 0.03 -8.21 -23.53
N4 E64 B . 0.53 -9.28 -24.36
N5 E64 B . -0.54 -7.22 -24.07
C1 EDO C . 9.91 -3.37 12.99
O1 EDO C . 10.30 -4.08 11.85
C2 EDO C . 11.12 -3.14 13.89
O2 EDO C . 10.79 -2.17 14.86
C1 EDO D . 8.08 -16.65 13.74
O1 EDO D . 6.72 -16.94 13.75
C2 EDO D . 8.35 -15.48 14.68
O2 EDO D . 7.87 -14.31 14.06
C1 EDO E . 11.15 28.98 -12.79
O1 EDO E . 10.76 30.32 -12.63
C2 EDO E . 12.66 28.89 -12.98
O2 EDO E . 13.05 27.55 -13.13
C1 EDO F . -0.73 -4.23 31.26
O1 EDO F . -1.66 -4.21 30.22
C2 EDO F . -0.08 -5.60 31.34
O2 EDO F . 1.24 -5.47 31.80
#